data_2LG6
#
_entry.id   2LG6
#
_entity_poly.entity_id   1
_entity_poly.type   'polypeptide(L)'
_entity_poly.pdbx_seq_one_letter_code
;LFCKGGSCHFGGCPSHLIKVGSCFGFRSCCAWPWNA
;
_entity_poly.pdbx_strand_id   A
#
# COMPACT_ATOMS: atom_id res chain seq x y z
N LEU A 1 6.38 1.26 7.23
CA LEU A 1 5.15 0.57 7.70
C LEU A 1 4.72 -0.47 6.68
N PHE A 2 4.64 -1.72 7.11
CA PHE A 2 4.24 -2.78 6.20
C PHE A 2 2.74 -2.74 5.98
N CYS A 3 2.30 -3.40 4.93
CA CYS A 3 0.89 -3.47 4.60
C CYS A 3 0.57 -4.87 4.08
N LYS A 4 -0.58 -5.39 4.47
CA LYS A 4 -1.00 -6.74 4.08
C LYS A 4 -0.72 -7.00 2.61
N GLY A 5 0.52 -7.34 2.31
CA GLY A 5 0.91 -7.62 0.94
C GLY A 5 2.18 -6.90 0.53
N GLY A 6 2.39 -5.70 1.03
CA GLY A 6 3.57 -4.93 0.69
C GLY A 6 3.93 -3.92 1.76
N SER A 7 3.99 -2.66 1.40
CA SER A 7 4.34 -1.61 2.35
C SER A 7 3.50 -0.36 2.10
N CYS A 8 3.46 0.51 3.10
CA CYS A 8 2.69 1.74 3.04
C CYS A 8 3.57 2.90 2.59
N HIS A 9 2.96 3.81 1.84
CA HIS A 9 3.66 4.96 1.31
C HIS A 9 2.74 6.16 1.33
N PHE A 10 3.21 7.24 1.90
CA PHE A 10 2.42 8.44 1.95
C PHE A 10 2.20 8.99 0.55
N GLY A 11 0.95 9.22 0.18
CA GLY A 11 0.64 9.75 -1.13
C GLY A 11 -0.15 8.79 -1.98
N GLY A 12 0.35 7.57 -2.10
CA GLY A 12 -0.33 6.58 -2.89
C GLY A 12 0.38 5.24 -2.84
N CYS A 13 0.64 4.66 -4.01
CA CYS A 13 1.31 3.37 -4.09
C CYS A 13 2.16 3.26 -5.33
N PRO A 14 3.37 2.71 -5.18
CA PRO A 14 4.26 2.51 -6.32
C PRO A 14 3.50 1.79 -7.42
N SER A 15 3.62 2.26 -8.64
CA SER A 15 2.94 1.68 -9.78
C SER A 15 2.86 0.16 -9.67
N HIS A 16 3.90 -0.43 -9.13
CA HIS A 16 3.96 -1.89 -8.99
C HIS A 16 2.88 -2.39 -8.03
N LEU A 17 2.79 -1.74 -6.89
CA LEU A 17 1.86 -2.15 -5.85
C LEU A 17 0.41 -1.80 -6.16
N ILE A 18 -0.43 -2.23 -5.23
CA ILE A 18 -1.86 -2.04 -5.27
C ILE A 18 -2.35 -1.50 -3.94
N LYS A 19 -3.22 -0.52 -3.98
CA LYS A 19 -3.74 0.09 -2.77
C LYS A 19 -4.59 -0.91 -1.99
N VAL A 20 -4.02 -1.48 -0.94
CA VAL A 20 -4.73 -2.45 -0.11
C VAL A 20 -5.66 -1.73 0.85
N GLY A 21 -5.23 -0.55 1.28
CA GLY A 21 -6.03 0.24 2.20
C GLY A 21 -5.27 1.46 2.66
N SER A 22 -5.73 2.08 3.73
CA SER A 22 -5.08 3.25 4.27
C SER A 22 -3.98 2.84 5.25
N CYS A 23 -2.94 3.65 5.32
CA CYS A 23 -1.82 3.39 6.22
C CYS A 23 -2.01 4.19 7.47
N PHE A 24 -0.98 4.30 8.28
CA PHE A 24 -1.09 5.07 9.50
C PHE A 24 -1.40 6.50 9.13
N GLY A 25 -2.63 6.88 9.39
CA GLY A 25 -3.08 8.21 9.08
C GLY A 25 -3.17 8.49 7.59
N PHE A 26 -2.70 9.66 7.23
CA PHE A 26 -2.70 10.16 5.86
C PHE A 26 -1.99 9.25 4.86
N ARG A 27 -1.24 8.27 5.34
CA ARG A 27 -0.52 7.38 4.46
C ARG A 27 -1.41 6.36 3.80
N SER A 28 -0.92 5.79 2.71
CA SER A 28 -1.65 4.79 1.95
C SER A 28 -0.94 3.45 2.09
N CYS A 29 -1.72 2.39 2.29
CA CYS A 29 -1.16 1.06 2.44
C CYS A 29 -1.13 0.36 1.09
N CYS A 30 0.05 -0.13 0.71
CA CYS A 30 0.22 -0.76 -0.57
C CYS A 30 0.69 -2.19 -0.43
N ALA A 31 0.15 -3.02 -1.30
CA ALA A 31 0.45 -4.43 -1.34
C ALA A 31 0.79 -4.79 -2.76
N TRP A 32 1.23 -6.00 -2.99
CA TRP A 32 1.59 -6.42 -4.33
C TRP A 32 0.38 -6.92 -5.13
N PRO A 33 0.34 -6.58 -6.43
CA PRO A 33 -0.76 -6.91 -7.37
C PRO A 33 -1.12 -8.40 -7.56
N TRP A 34 -0.25 -9.32 -7.17
CA TRP A 34 -0.51 -10.77 -7.38
C TRP A 34 -1.99 -11.12 -7.37
N ASN A 35 -2.77 -10.41 -6.59
CA ASN A 35 -4.19 -10.66 -6.45
C ASN A 35 -4.87 -9.41 -5.94
N ALA A 36 -4.45 -8.28 -6.46
CA ALA A 36 -5.00 -7.00 -6.03
C ALA A 36 -5.06 -6.03 -7.20
N LEU A 1 5.49 1.64 7.16
CA LEU A 1 4.56 0.64 7.71
C LEU A 1 4.30 -0.46 6.69
N PHE A 2 4.30 -1.70 7.12
CA PHE A 2 4.03 -2.79 6.21
C PHE A 2 2.53 -2.83 5.94
N CYS A 3 2.15 -3.53 4.90
CA CYS A 3 0.75 -3.66 4.55
C CYS A 3 0.53 -5.07 4.01
N LYS A 4 -0.57 -5.71 4.41
CA LYS A 4 -0.86 -7.07 3.97
C LYS A 4 -0.57 -7.26 2.48
N GLY A 5 0.70 -7.44 2.16
CA GLY A 5 1.09 -7.62 0.78
C GLY A 5 2.36 -6.86 0.44
N GLY A 6 2.51 -5.67 1.00
CA GLY A 6 3.67 -4.85 0.75
C GLY A 6 3.92 -3.86 1.86
N SER A 7 3.87 -2.58 1.53
CA SER A 7 4.09 -1.54 2.53
C SER A 7 3.31 -0.28 2.19
N CYS A 8 3.20 0.59 3.17
CA CYS A 8 2.45 1.83 3.03
C CYS A 8 3.38 2.98 2.69
N HIS A 9 2.90 3.84 1.79
CA HIS A 9 3.66 5.00 1.34
C HIS A 9 2.74 6.20 1.33
N PHE A 10 3.23 7.31 1.85
CA PHE A 10 2.44 8.51 1.89
C PHE A 10 2.23 9.06 0.49
N GLY A 11 0.97 9.24 0.11
CA GLY A 11 0.65 9.77 -1.20
C GLY A 11 -0.13 8.82 -2.06
N GLY A 12 0.35 7.58 -2.13
CA GLY A 12 -0.32 6.57 -2.92
C GLY A 12 0.38 5.24 -2.84
N CYS A 13 0.67 4.66 -4.00
CA CYS A 13 1.33 3.37 -4.05
C CYS A 13 2.22 3.25 -5.27
N PRO A 14 3.39 2.61 -5.13
CA PRO A 14 4.29 2.42 -6.24
C PRO A 14 3.54 1.71 -7.37
N SER A 15 3.66 2.21 -8.58
CA SER A 15 2.98 1.64 -9.73
C SER A 15 2.91 0.12 -9.65
N HIS A 16 3.93 -0.51 -9.06
CA HIS A 16 3.94 -1.96 -8.95
C HIS A 16 2.83 -2.44 -8.03
N LEU A 17 2.75 -1.81 -6.86
CA LEU A 17 1.79 -2.19 -5.82
C LEU A 17 0.34 -1.85 -6.14
N ILE A 18 -0.50 -2.22 -5.19
CA ILE A 18 -1.93 -2.04 -5.24
C ILE A 18 -2.42 -1.51 -3.90
N LYS A 19 -3.31 -0.54 -3.94
CA LYS A 19 -3.82 0.07 -2.72
C LYS A 19 -4.65 -0.95 -1.92
N VAL A 20 -4.05 -1.50 -0.87
CA VAL A 20 -4.74 -2.47 -0.02
C VAL A 20 -5.66 -1.75 0.94
N GLY A 21 -5.24 -0.58 1.37
CA GLY A 21 -6.02 0.22 2.30
C GLY A 21 -5.25 1.43 2.77
N SER A 22 -5.76 2.12 3.76
CA SER A 22 -5.10 3.31 4.30
C SER A 22 -4.06 2.93 5.34
N CYS A 23 -3.05 3.78 5.48
CA CYS A 23 -1.97 3.57 6.42
C CYS A 23 -2.23 4.37 7.69
N PHE A 24 -1.20 4.56 8.48
CA PHE A 24 -1.30 5.29 9.73
C PHE A 24 -1.23 6.78 9.50
N GLY A 25 -2.14 7.47 10.16
CA GLY A 25 -2.18 8.92 10.11
C GLY A 25 -2.65 9.52 8.80
N PHE A 26 -2.17 9.00 7.67
CA PHE A 26 -2.51 9.60 6.38
C PHE A 26 -1.88 8.85 5.20
N ARG A 27 -0.89 8.02 5.49
CA ARG A 27 -0.22 7.28 4.45
C ARG A 27 -1.15 6.27 3.81
N SER A 28 -0.78 5.81 2.63
CA SER A 28 -1.56 4.83 1.91
C SER A 28 -0.90 3.46 2.05
N CYS A 29 -1.70 2.42 2.27
CA CYS A 29 -1.19 1.08 2.43
C CYS A 29 -1.15 0.37 1.08
N CYS A 30 0.01 -0.16 0.73
CA CYS A 30 0.17 -0.81 -0.55
C CYS A 30 0.65 -2.26 -0.42
N ALA A 31 0.09 -3.07 -1.28
CA ALA A 31 0.40 -4.48 -1.36
C ALA A 31 0.75 -4.81 -2.79
N TRP A 32 1.19 -6.00 -3.06
CA TRP A 32 1.57 -6.38 -4.41
C TRP A 32 0.35 -6.90 -5.21
N PRO A 33 0.28 -6.54 -6.50
CA PRO A 33 -0.83 -6.88 -7.42
C PRO A 33 -1.09 -8.37 -7.70
N TRP A 34 -0.17 -9.26 -7.33
CA TRP A 34 -0.34 -10.70 -7.61
C TRP A 34 -1.81 -11.12 -7.64
N ASN A 35 -2.61 -10.49 -6.81
CA ASN A 35 -4.02 -10.80 -6.70
C ASN A 35 -4.74 -9.59 -6.13
N ALA A 36 -4.32 -8.42 -6.57
CA ALA A 36 -4.89 -7.18 -6.11
C ALA A 36 -4.85 -6.15 -7.22
N LEU A 1 6.18 0.91 7.25
CA LEU A 1 4.86 0.37 7.66
C LEU A 1 4.40 -0.66 6.65
N PHE A 2 4.19 -1.89 7.09
CA PHE A 2 3.76 -2.93 6.20
C PHE A 2 2.26 -2.93 6.03
N CYS A 3 1.81 -3.57 4.97
CA CYS A 3 0.41 -3.69 4.66
C CYS A 3 0.19 -5.03 3.99
N LYS A 4 -0.89 -5.71 4.37
CA LYS A 4 -1.22 -7.03 3.84
C LYS A 4 -0.83 -7.19 2.38
N GLY A 5 0.45 -7.47 2.14
CA GLY A 5 0.93 -7.65 0.78
C GLY A 5 2.25 -6.95 0.52
N GLY A 6 2.36 -5.70 0.97
CA GLY A 6 3.57 -4.95 0.75
C GLY A 6 3.77 -3.88 1.81
N SER A 7 4.26 -2.72 1.39
CA SER A 7 4.51 -1.62 2.31
C SER A 7 3.62 -0.42 2.01
N CYS A 8 3.50 0.45 3.01
CA CYS A 8 2.69 1.65 2.89
C CYS A 8 3.54 2.83 2.49
N HIS A 9 2.94 3.76 1.78
CA HIS A 9 3.64 4.93 1.30
C HIS A 9 2.72 6.12 1.31
N PHE A 10 3.20 7.22 1.83
CA PHE A 10 2.40 8.43 1.89
C PHE A 10 2.20 9.01 0.49
N GLY A 11 0.95 9.33 0.16
CA GLY A 11 0.65 9.91 -1.13
C GLY A 11 -0.06 8.94 -2.05
N GLY A 12 0.48 7.74 -2.15
CA GLY A 12 -0.11 6.73 -3.01
C GLY A 12 0.58 5.40 -2.89
N CYS A 13 0.88 4.79 -4.02
CA CYS A 13 1.53 3.50 -4.03
C CYS A 13 2.35 3.30 -5.29
N PRO A 14 3.54 2.71 -5.17
CA PRO A 14 4.37 2.44 -6.32
C PRO A 14 3.54 1.78 -7.42
N SER A 15 3.67 2.26 -8.62
CA SER A 15 2.92 1.74 -9.76
C SER A 15 2.73 0.23 -9.66
N HIS A 16 3.71 -0.45 -9.09
CA HIS A 16 3.64 -1.89 -8.95
C HIS A 16 2.62 -2.30 -7.88
N LEU A 17 2.71 -1.67 -6.73
CA LEU A 17 1.85 -1.99 -5.61
C LEU A 17 0.41 -1.53 -5.77
N ILE A 18 -0.47 -2.38 -5.28
CA ILE A 18 -1.90 -2.17 -5.28
C ILE A 18 -2.35 -1.57 -3.95
N LYS A 19 -3.24 -0.60 -4.02
CA LYS A 19 -3.76 0.07 -2.82
C LYS A 19 -4.62 -0.91 -2.01
N VAL A 20 -4.04 -1.47 -0.96
CA VAL A 20 -4.77 -2.42 -0.12
C VAL A 20 -5.69 -1.70 0.85
N GLY A 21 -5.26 -0.53 1.30
CA GLY A 21 -6.06 0.26 2.22
C GLY A 21 -5.32 1.48 2.71
N SER A 22 -5.70 1.97 3.88
CA SER A 22 -5.07 3.14 4.47
C SER A 22 -3.94 2.75 5.42
N CYS A 23 -2.92 3.58 5.46
CA CYS A 23 -1.76 3.36 6.32
C CYS A 23 -1.88 4.25 7.54
N PHE A 24 -0.78 4.40 8.27
CA PHE A 24 -0.76 5.26 9.43
C PHE A 24 -1.16 6.64 9.02
N GLY A 25 -2.36 7.02 9.40
CA GLY A 25 -2.87 8.31 9.08
C GLY A 25 -3.08 8.51 7.59
N PHE A 26 -2.70 9.69 7.14
CA PHE A 26 -2.81 10.10 5.75
C PHE A 26 -2.11 9.16 4.77
N ARG A 27 -1.28 8.26 5.28
CA ARG A 27 -0.55 7.34 4.42
C ARG A 27 -1.45 6.31 3.76
N SER A 28 -0.96 5.76 2.67
CA SER A 28 -1.69 4.76 1.93
C SER A 28 -1.03 3.41 2.08
N CYS A 29 -1.83 2.38 2.25
CA CYS A 29 -1.32 1.04 2.42
C CYS A 29 -1.24 0.36 1.06
N CYS A 30 -0.07 -0.13 0.72
CA CYS A 30 0.16 -0.76 -0.55
C CYS A 30 0.58 -2.20 -0.38
N ALA A 31 0.16 -3.00 -1.32
CA ALA A 31 0.46 -4.41 -1.34
C ALA A 31 0.77 -4.78 -2.77
N TRP A 32 1.20 -5.99 -3.01
CA TRP A 32 1.55 -6.40 -4.35
C TRP A 32 0.35 -6.97 -5.14
N PRO A 33 0.25 -6.59 -6.42
CA PRO A 33 -0.85 -6.99 -7.34
C PRO A 33 -1.08 -8.49 -7.55
N TRP A 34 -0.13 -9.35 -7.19
CA TRP A 34 -0.26 -10.81 -7.42
C TRP A 34 -1.71 -11.29 -7.43
N ASN A 35 -2.53 -10.69 -6.61
CA ASN A 35 -3.93 -11.06 -6.48
C ASN A 35 -4.71 -9.92 -5.87
N ALA A 36 -4.23 -8.73 -6.13
CA ALA A 36 -4.86 -7.52 -5.63
C ALA A 36 -4.95 -6.47 -6.73
N LEU A 1 7.47 0.97 6.29
CA LEU A 1 6.54 0.09 7.00
C LEU A 1 5.87 -0.89 6.05
N PHE A 2 5.74 -2.13 6.48
CA PHE A 2 5.10 -3.13 5.65
C PHE A 2 3.59 -2.94 5.68
N CYS A 3 2.93 -3.58 4.74
CA CYS A 3 1.48 -3.54 4.64
C CYS A 3 1.02 -4.90 4.18
N LYS A 4 -0.15 -5.35 4.65
CA LYS A 4 -0.67 -6.66 4.28
C LYS A 4 -0.55 -6.89 2.78
N GLY A 5 0.64 -7.31 2.35
CA GLY A 5 0.90 -7.56 0.95
C GLY A 5 2.11 -6.81 0.43
N GLY A 6 2.36 -5.63 0.97
CA GLY A 6 3.49 -4.82 0.53
C GLY A 6 4.01 -3.88 1.59
N SER A 7 3.87 -2.58 1.37
CA SER A 7 4.34 -1.59 2.31
C SER A 7 3.51 -0.31 2.25
N CYS A 8 3.75 0.58 3.20
CA CYS A 8 3.02 1.85 3.30
C CYS A 8 3.78 2.97 2.62
N HIS A 9 3.04 3.87 2.01
CA HIS A 9 3.62 5.01 1.32
C HIS A 9 2.65 6.17 1.36
N PHE A 10 3.10 7.29 1.89
CA PHE A 10 2.26 8.45 1.96
C PHE A 10 1.98 8.99 0.55
N GLY A 11 0.71 9.19 0.23
CA GLY A 11 0.33 9.71 -1.06
C GLY A 11 -0.38 8.70 -1.93
N GLY A 12 0.25 7.56 -2.15
CA GLY A 12 -0.35 6.53 -2.97
C GLY A 12 0.38 5.22 -2.88
N CYS A 13 0.71 4.64 -4.03
CA CYS A 13 1.40 3.37 -4.08
C CYS A 13 2.25 3.25 -5.33
N PRO A 14 3.41 2.60 -5.21
CA PRO A 14 4.30 2.40 -6.36
C PRO A 14 3.54 1.67 -7.44
N SER A 15 3.67 2.14 -8.67
CA SER A 15 3.00 1.56 -9.81
C SER A 15 2.92 0.04 -9.70
N HIS A 16 3.93 -0.55 -9.10
CA HIS A 16 3.98 -2.00 -8.94
C HIS A 16 2.92 -2.50 -7.97
N LEU A 17 2.82 -1.83 -6.84
CA LEU A 17 1.89 -2.21 -5.80
C LEU A 17 0.44 -1.91 -6.12
N ILE A 18 -0.40 -2.20 -5.14
CA ILE A 18 -1.83 -2.03 -5.23
C ILE A 18 -2.33 -1.47 -3.90
N LYS A 19 -3.19 -0.48 -3.98
CA LYS A 19 -3.72 0.17 -2.78
C LYS A 19 -4.55 -0.82 -1.97
N VAL A 20 -3.93 -1.45 -0.97
CA VAL A 20 -4.64 -2.39 -0.11
C VAL A 20 -5.59 -1.64 0.81
N GLY A 21 -5.20 -0.42 1.16
CA GLY A 21 -6.01 0.41 2.03
C GLY A 21 -5.24 1.62 2.50
N SER A 22 -5.57 2.10 3.70
CA SER A 22 -4.89 3.24 4.27
C SER A 22 -4.03 2.80 5.45
N CYS A 23 -2.88 3.44 5.60
CA CYS A 23 -1.97 3.11 6.67
C CYS A 23 -2.15 4.08 7.83
N PHE A 24 -1.18 4.14 8.73
CA PHE A 24 -1.29 5.02 9.87
C PHE A 24 -1.57 6.42 9.39
N GLY A 25 -2.81 6.80 9.57
CA GLY A 25 -3.27 8.11 9.18
C GLY A 25 -3.35 8.32 7.68
N PHE A 26 -2.91 9.49 7.28
CA PHE A 26 -2.91 9.96 5.90
C PHE A 26 -2.18 9.04 4.91
N ARG A 27 -1.35 8.16 5.41
CA ARG A 27 -0.58 7.27 4.54
C ARG A 27 -1.42 6.19 3.90
N SER A 28 -0.95 5.74 2.74
CA SER A 28 -1.64 4.71 2.00
C SER A 28 -0.93 3.36 2.17
N CYS A 29 -1.75 2.33 2.30
CA CYS A 29 -1.24 0.98 2.47
C CYS A 29 -1.14 0.33 1.09
N CYS A 30 0.04 -0.16 0.76
CA CYS A 30 0.27 -0.76 -0.54
C CYS A 30 0.73 -2.19 -0.42
N ALA A 31 0.18 -3.00 -1.28
CA ALA A 31 0.49 -4.41 -1.36
C ALA A 31 0.81 -4.75 -2.79
N TRP A 32 1.21 -5.97 -3.05
CA TRP A 32 1.56 -6.37 -4.39
C TRP A 32 0.32 -6.88 -5.17
N PRO A 33 0.25 -6.54 -6.47
CA PRO A 33 -0.89 -6.87 -7.37
C PRO A 33 -1.26 -8.35 -7.53
N TRP A 34 -0.32 -9.26 -7.30
CA TRP A 34 -0.57 -10.71 -7.49
C TRP A 34 -2.05 -11.11 -7.46
N ASN A 35 -2.83 -10.47 -6.60
CA ASN A 35 -4.24 -10.82 -6.46
C ASN A 35 -5.04 -9.64 -5.92
N ALA A 36 -4.48 -8.45 -6.06
CA ALA A 36 -5.14 -7.25 -5.58
C ALA A 36 -5.90 -6.55 -6.69
N LEU A 1 6.23 1.06 7.05
CA LEU A 1 4.98 0.47 7.56
C LEU A 1 4.53 -0.66 6.65
N PHE A 2 4.35 -1.86 7.20
CA PHE A 2 3.92 -2.97 6.38
C PHE A 2 2.42 -2.96 6.23
N CYS A 3 1.95 -3.59 5.18
CA CYS A 3 0.54 -3.71 4.90
C CYS A 3 0.28 -5.07 4.30
N LYS A 4 -0.82 -5.70 4.68
CA LYS A 4 -1.17 -7.03 4.19
C LYS A 4 -0.86 -7.20 2.71
N GLY A 5 0.41 -7.44 2.40
CA GLY A 5 0.83 -7.61 1.02
C GLY A 5 2.13 -6.89 0.70
N GLY A 6 2.31 -5.71 1.28
CA GLY A 6 3.50 -4.92 1.05
C GLY A 6 3.75 -3.92 2.16
N SER A 7 3.82 -2.65 1.81
CA SER A 7 4.05 -1.61 2.79
C SER A 7 3.29 -0.34 2.40
N CYS A 8 3.13 0.57 3.35
CA CYS A 8 2.39 1.79 3.11
C CYS A 8 3.31 2.94 2.73
N HIS A 9 2.87 3.72 1.75
CA HIS A 9 3.62 4.85 1.27
C HIS A 9 2.74 6.08 1.29
N PHE A 10 3.25 7.18 1.75
CA PHE A 10 2.49 8.39 1.81
C PHE A 10 2.29 8.95 0.41
N GLY A 11 1.07 9.36 0.10
CA GLY A 11 0.78 9.90 -1.21
C GLY A 11 0.03 8.92 -2.09
N GLY A 12 0.43 7.67 -2.04
CA GLY A 12 -0.21 6.65 -2.84
C GLY A 12 0.50 5.32 -2.78
N CYS A 13 0.77 4.77 -3.95
CA CYS A 13 1.45 3.48 -4.04
C CYS A 13 2.23 3.36 -5.33
N PRO A 14 3.42 2.76 -5.27
CA PRO A 14 4.23 2.57 -6.46
C PRO A 14 3.41 1.87 -7.53
N SER A 15 3.49 2.36 -8.76
CA SER A 15 2.74 1.81 -9.87
C SER A 15 2.61 0.28 -9.77
N HIS A 16 3.63 -0.35 -9.23
CA HIS A 16 3.65 -1.79 -9.07
C HIS A 16 2.65 -2.26 -8.03
N LEU A 17 2.69 -1.62 -6.87
CA LEU A 17 1.83 -1.99 -5.76
C LEU A 17 0.38 -1.57 -5.92
N ILE A 18 -0.46 -2.41 -5.34
CA ILE A 18 -1.90 -2.25 -5.31
C ILE A 18 -2.33 -1.65 -3.98
N LYS A 19 -3.26 -0.72 -4.03
CA LYS A 19 -3.75 -0.07 -2.82
C LYS A 19 -4.62 -1.02 -2.02
N VAL A 20 -4.08 -1.54 -0.92
CA VAL A 20 -4.81 -2.45 -0.06
C VAL A 20 -5.70 -1.67 0.91
N GLY A 21 -5.22 -0.50 1.31
CA GLY A 21 -5.96 0.35 2.23
C GLY A 21 -5.17 1.58 2.59
N SER A 22 -5.48 2.19 3.74
CA SER A 22 -4.76 3.36 4.20
C SER A 22 -3.66 2.96 5.17
N CYS A 23 -3.05 3.94 5.81
CA CYS A 23 -1.96 3.66 6.74
C CYS A 23 -2.01 4.61 7.93
N PHE A 24 -0.92 4.68 8.69
CA PHE A 24 -0.83 5.50 9.86
C PHE A 24 -0.89 6.97 9.53
N GLY A 25 -1.75 7.65 10.25
CA GLY A 25 -1.92 9.07 10.13
C GLY A 25 -2.55 9.56 8.84
N PHE A 26 -2.14 9.01 7.72
CA PHE A 26 -2.64 9.47 6.43
C PHE A 26 -2.03 8.72 5.25
N ARG A 27 -1.01 7.92 5.52
CA ARG A 27 -0.33 7.17 4.49
C ARG A 27 -1.24 6.13 3.86
N SER A 28 -0.88 5.71 2.67
CA SER A 28 -1.63 4.71 1.94
C SER A 28 -0.94 3.37 2.06
N CYS A 29 -1.72 2.32 2.27
CA CYS A 29 -1.16 0.98 2.40
C CYS A 29 -1.12 0.31 1.05
N CYS A 30 0.07 -0.17 0.69
CA CYS A 30 0.27 -0.79 -0.58
C CYS A 30 0.69 -2.24 -0.42
N ALA A 31 0.22 -3.04 -1.34
CA ALA A 31 0.49 -4.45 -1.38
C ALA A 31 0.82 -4.81 -2.81
N TRP A 32 1.23 -6.02 -3.06
CA TRP A 32 1.59 -6.41 -4.39
C TRP A 32 0.40 -6.96 -5.20
N PRO A 33 0.33 -6.60 -6.48
CA PRO A 33 -0.78 -6.98 -7.41
C PRO A 33 -1.00 -8.49 -7.64
N TRP A 34 -0.02 -9.34 -7.30
CA TRP A 34 -0.14 -10.79 -7.54
C TRP A 34 -1.59 -11.30 -7.59
N ASN A 35 -2.43 -10.71 -6.77
CA ASN A 35 -3.82 -11.12 -6.68
C ASN A 35 -4.67 -10.02 -6.11
N ALA A 36 -4.17 -8.81 -6.18
CA ALA A 36 -4.85 -7.65 -5.66
C ALA A 36 -5.15 -6.64 -6.76
N LEU A 1 5.98 1.58 7.45
CA LEU A 1 5.00 0.60 7.97
C LEU A 1 4.67 -0.44 6.91
N PHE A 2 4.47 -1.68 7.33
CA PHE A 2 4.12 -2.73 6.40
C PHE A 2 2.63 -2.69 6.11
N CYS A 3 2.23 -3.39 5.08
CA CYS A 3 0.83 -3.46 4.70
C CYS A 3 0.56 -4.85 4.15
N LYS A 4 -0.57 -5.42 4.55
CA LYS A 4 -0.95 -6.77 4.13
C LYS A 4 -0.63 -7.00 2.66
N GLY A 5 0.62 -7.36 2.39
CA GLY A 5 1.06 -7.60 1.03
C GLY A 5 2.35 -6.88 0.70
N GLY A 6 2.45 -5.64 1.15
CA GLY A 6 3.64 -4.85 0.91
C GLY A 6 3.91 -3.86 2.01
N SER A 7 4.04 -2.59 1.68
CA SER A 7 4.30 -1.55 2.67
C SER A 7 3.42 -0.33 2.43
N CYS A 8 3.37 0.54 3.41
CA CYS A 8 2.57 1.76 3.33
C CYS A 8 3.41 2.92 2.87
N HIS A 9 2.88 3.69 1.94
CA HIS A 9 3.55 4.83 1.36
C HIS A 9 2.62 6.03 1.38
N PHE A 10 3.14 7.17 1.78
CA PHE A 10 2.33 8.36 1.83
C PHE A 10 2.11 8.89 0.42
N GLY A 11 0.87 9.29 0.12
CA GLY A 11 0.55 9.81 -1.19
C GLY A 11 -0.16 8.81 -2.08
N GLY A 12 0.33 7.58 -2.07
CA GLY A 12 -0.26 6.56 -2.89
C GLY A 12 0.51 5.26 -2.81
N CYS A 13 0.82 4.70 -3.97
CA CYS A 13 1.54 3.45 -4.03
C CYS A 13 2.34 3.35 -5.31
N PRO A 14 3.53 2.74 -5.25
CA PRO A 14 4.35 2.56 -6.44
C PRO A 14 3.55 1.84 -7.51
N SER A 15 3.62 2.34 -8.72
CA SER A 15 2.88 1.80 -9.84
C SER A 15 2.75 0.27 -9.75
N HIS A 16 3.76 -0.39 -9.20
CA HIS A 16 3.72 -1.84 -9.08
C HIS A 16 2.68 -2.29 -8.06
N LEU A 17 2.73 -1.67 -6.89
CA LEU A 17 1.85 -2.03 -5.78
C LEU A 17 0.41 -1.59 -5.95
N ILE A 18 -0.44 -2.41 -5.35
CA ILE A 18 -1.87 -2.22 -5.32
C ILE A 18 -2.31 -1.61 -3.99
N LYS A 19 -3.24 -0.67 -4.05
CA LYS A 19 -3.73 0.00 -2.87
C LYS A 19 -4.57 -0.96 -2.01
N VAL A 20 -3.94 -1.55 -1.01
CA VAL A 20 -4.63 -2.48 -0.11
C VAL A 20 -5.56 -1.72 0.82
N GLY A 21 -5.18 -0.50 1.16
CA GLY A 21 -5.98 0.31 2.05
C GLY A 21 -5.25 1.56 2.49
N SER A 22 -5.57 2.05 3.68
CA SER A 22 -4.94 3.23 4.22
C SER A 22 -3.81 2.86 5.18
N CYS A 23 -3.13 3.87 5.71
CA CYS A 23 -2.02 3.66 6.62
C CYS A 23 -2.14 4.61 7.81
N PHE A 24 -1.06 4.77 8.56
CA PHE A 24 -1.05 5.63 9.73
C PHE A 24 -1.09 7.09 9.36
N GLY A 25 -1.93 7.80 10.09
CA GLY A 25 -2.09 9.22 9.94
C GLY A 25 -2.73 9.68 8.66
N PHE A 26 -2.30 9.13 7.53
CA PHE A 26 -2.80 9.57 6.23
C PHE A 26 -2.14 8.78 5.09
N ARG A 27 -1.17 7.95 5.43
CA ARG A 27 -0.46 7.17 4.43
C ARG A 27 -1.36 6.15 3.77
N SER A 28 -0.93 5.70 2.61
CA SER A 28 -1.65 4.72 1.85
C SER A 28 -0.97 3.36 2.02
N CYS A 29 -1.76 2.32 2.17
CA CYS A 29 -1.20 0.98 2.34
C CYS A 29 -1.09 0.32 0.99
N CYS A 30 0.11 -0.16 0.68
CA CYS A 30 0.38 -0.77 -0.59
C CYS A 30 0.81 -2.21 -0.42
N ALA A 31 0.30 -3.01 -1.32
CA ALA A 31 0.58 -4.42 -1.35
C ALA A 31 0.86 -4.79 -2.79
N TRP A 32 1.27 -5.99 -3.05
CA TRP A 32 1.57 -6.40 -4.40
C TRP A 32 0.33 -6.90 -5.16
N PRO A 33 0.21 -6.52 -6.44
CA PRO A 33 -0.94 -6.84 -7.31
C PRO A 33 -1.34 -8.32 -7.46
N TRP A 34 -0.42 -9.25 -7.26
CA TRP A 34 -0.71 -10.69 -7.43
C TRP A 34 -2.19 -11.05 -7.29
N ASN A 35 -2.88 -10.40 -6.38
CA ASN A 35 -4.30 -10.69 -6.13
C ASN A 35 -4.94 -9.49 -5.45
N ALA A 36 -4.59 -8.31 -5.88
CA ALA A 36 -5.13 -7.10 -5.28
C ALA A 36 -5.34 -6.01 -6.32
N LEU A 1 5.79 1.23 7.31
CA LEU A 1 4.79 0.33 7.92
C LEU A 1 4.35 -0.71 6.91
N PHE A 2 4.11 -1.93 7.38
CA PHE A 2 3.67 -2.98 6.49
C PHE A 2 2.19 -2.86 6.21
N CYS A 3 1.77 -3.53 5.16
CA CYS A 3 0.39 -3.55 4.75
C CYS A 3 0.13 -4.87 4.08
N LYS A 4 -1.01 -5.48 4.39
CA LYS A 4 -1.37 -6.79 3.85
C LYS A 4 -0.86 -7.02 2.42
N GLY A 5 0.42 -7.33 2.30
CA GLY A 5 1.01 -7.58 1.01
C GLY A 5 2.34 -6.90 0.80
N GLY A 6 2.43 -5.65 1.22
CA GLY A 6 3.67 -4.91 1.07
C GLY A 6 3.86 -3.85 2.13
N SER A 7 4.31 -2.67 1.72
CA SER A 7 4.54 -1.58 2.64
C SER A 7 3.61 -0.41 2.36
N CYS A 8 3.48 0.48 3.34
CA CYS A 8 2.63 1.65 3.24
C CYS A 8 3.46 2.85 2.82
N HIS A 9 2.90 3.66 1.94
CA HIS A 9 3.59 4.83 1.41
C HIS A 9 2.64 6.02 1.43
N PHE A 10 3.13 7.14 1.94
CA PHE A 10 2.33 8.34 2.00
C PHE A 10 2.16 8.94 0.60
N GLY A 11 0.93 9.30 0.26
CA GLY A 11 0.66 9.90 -1.04
C GLY A 11 -0.06 8.94 -1.97
N GLY A 12 0.44 7.72 -2.06
CA GLY A 12 -0.17 6.73 -2.90
C GLY A 12 0.58 5.42 -2.86
N CYS A 13 0.74 4.78 -4.01
CA CYS A 13 1.44 3.52 -4.08
C CYS A 13 2.16 3.37 -5.40
N PRO A 14 3.40 2.87 -5.36
CA PRO A 14 4.18 2.66 -6.58
C PRO A 14 3.37 1.84 -7.56
N SER A 15 3.34 2.28 -8.81
CA SER A 15 2.58 1.62 -9.85
C SER A 15 2.59 0.10 -9.68
N HIS A 16 3.69 -0.44 -9.19
CA HIS A 16 3.78 -1.89 -9.00
C HIS A 16 2.74 -2.36 -8.00
N LEU A 17 2.71 -1.66 -6.88
CA LEU A 17 1.83 -2.00 -5.78
C LEU A 17 0.38 -1.59 -6.00
N ILE A 18 -0.46 -2.33 -5.31
CA ILE A 18 -1.89 -2.18 -5.32
C ILE A 18 -2.37 -1.57 -3.99
N LYS A 19 -3.24 -0.59 -4.07
CA LYS A 19 -3.76 0.07 -2.88
C LYS A 19 -4.66 -0.89 -2.10
N VAL A 20 -4.07 -1.58 -1.13
CA VAL A 20 -4.82 -2.52 -0.30
C VAL A 20 -5.74 -1.76 0.64
N GLY A 21 -5.32 -0.55 0.98
CA GLY A 21 -6.09 0.30 1.87
C GLY A 21 -5.27 1.49 2.30
N SER A 22 -5.62 2.08 3.43
CA SER A 22 -4.87 3.22 3.93
C SER A 22 -3.82 2.75 4.92
N CYS A 23 -3.06 3.69 5.46
CA CYS A 23 -2.01 3.39 6.40
C CYS A 23 -2.22 4.16 7.70
N PHE A 24 -1.19 4.22 8.51
CA PHE A 24 -1.24 4.90 9.78
C PHE A 24 -1.24 6.41 9.61
N GLY A 25 -2.14 7.03 10.32
CA GLY A 25 -2.27 8.46 10.33
C GLY A 25 -2.79 9.08 9.04
N PHE A 26 -2.32 8.62 7.90
CA PHE A 26 -2.72 9.23 6.63
C PHE A 26 -2.04 8.58 5.43
N ARG A 27 -1.03 7.76 5.68
CA ARG A 27 -0.31 7.11 4.60
C ARG A 27 -1.22 6.14 3.90
N SER A 28 -0.81 5.67 2.74
CA SER A 28 -1.59 4.73 1.98
C SER A 28 -0.94 3.36 2.09
N CYS A 29 -1.76 2.33 2.20
CA CYS A 29 -1.24 0.98 2.32
C CYS A 29 -1.10 0.36 0.95
N CYS A 30 0.09 -0.11 0.66
CA CYS A 30 0.40 -0.70 -0.61
C CYS A 30 0.84 -2.13 -0.45
N ALA A 31 0.34 -2.95 -1.34
CA ALA A 31 0.64 -4.35 -1.36
C ALA A 31 0.90 -4.73 -2.80
N TRP A 32 1.32 -5.95 -3.04
CA TRP A 32 1.62 -6.37 -4.38
C TRP A 32 0.37 -6.91 -5.13
N PRO A 33 0.26 -6.60 -6.42
CA PRO A 33 -0.88 -6.96 -7.29
C PRO A 33 -1.24 -8.45 -7.42
N TRP A 34 -0.31 -9.37 -7.14
CA TRP A 34 -0.57 -10.82 -7.28
C TRP A 34 -2.04 -11.20 -7.16
N ASN A 35 -2.77 -10.52 -6.30
CA ASN A 35 -4.18 -10.81 -6.05
C ASN A 35 -4.86 -9.58 -5.53
N ALA A 36 -4.40 -8.42 -5.97
CA ALA A 36 -4.97 -7.16 -5.52
C ALA A 36 -5.07 -6.19 -6.69
N LEU A 1 6.06 1.21 7.50
CA LEU A 1 5.01 0.28 7.97
C LEU A 1 4.69 -0.74 6.89
N PHE A 2 4.42 -1.98 7.30
CA PHE A 2 4.08 -3.01 6.34
C PHE A 2 2.59 -3.00 6.07
N CYS A 3 2.21 -3.59 4.96
CA CYS A 3 0.81 -3.69 4.56
C CYS A 3 0.54 -5.09 4.05
N LYS A 4 -0.66 -5.61 4.32
CA LYS A 4 -1.01 -6.95 3.88
C LYS A 4 -0.69 -7.14 2.40
N GLY A 5 0.58 -7.39 2.11
CA GLY A 5 0.99 -7.58 0.74
C GLY A 5 2.22 -6.77 0.39
N GLY A 6 2.41 -5.65 1.07
CA GLY A 6 3.54 -4.79 0.78
C GLY A 6 3.87 -3.87 1.95
N SER A 7 3.85 -2.58 1.70
CA SER A 7 4.17 -1.61 2.73
C SER A 7 3.38 -0.31 2.52
N CYS A 8 3.50 0.59 3.47
CA CYS A 8 2.80 1.87 3.42
C CYS A 8 3.66 2.94 2.80
N HIS A 9 3.03 3.81 2.03
CA HIS A 9 3.72 4.90 1.38
C HIS A 9 2.83 6.12 1.35
N PHE A 10 3.29 7.21 1.90
CA PHE A 10 2.50 8.42 1.91
C PHE A 10 2.41 8.97 0.49
N GLY A 11 1.22 9.40 0.10
CA GLY A 11 1.01 9.94 -1.23
C GLY A 11 0.24 9.00 -2.12
N GLY A 12 0.62 7.73 -2.10
CA GLY A 12 -0.04 6.73 -2.88
C GLY A 12 0.70 5.42 -2.81
N CYS A 13 0.89 4.77 -3.94
CA CYS A 13 1.58 3.50 -4.00
C CYS A 13 2.34 3.35 -5.29
N PRO A 14 3.53 2.75 -5.25
CA PRO A 14 4.32 2.53 -6.44
C PRO A 14 3.47 1.87 -7.51
N SER A 15 3.54 2.40 -8.72
CA SER A 15 2.76 1.90 -9.85
C SER A 15 2.59 0.38 -9.83
N HIS A 16 3.54 -0.31 -9.21
CA HIS A 16 3.48 -1.77 -9.13
C HIS A 16 2.51 -2.23 -8.04
N LEU A 17 2.61 -1.59 -6.89
CA LEU A 17 1.80 -1.96 -5.74
C LEU A 17 0.35 -1.53 -5.85
N ILE A 18 -0.49 -2.41 -5.34
CA ILE A 18 -1.92 -2.23 -5.28
C ILE A 18 -2.35 -1.67 -3.94
N LYS A 19 -3.29 -0.74 -3.97
CA LYS A 19 -3.78 -0.11 -2.75
C LYS A 19 -4.64 -1.07 -1.95
N VAL A 20 -4.07 -1.67 -0.91
CA VAL A 20 -4.81 -2.60 -0.07
C VAL A 20 -5.78 -1.84 0.83
N GLY A 21 -5.34 -0.67 1.30
CA GLY A 21 -6.18 0.15 2.16
C GLY A 21 -5.45 1.42 2.61
N SER A 22 -5.96 2.02 3.67
CA SER A 22 -5.37 3.24 4.23
C SER A 22 -4.46 2.91 5.40
N CYS A 23 -3.31 3.58 5.48
CA CYS A 23 -2.36 3.36 6.55
C CYS A 23 -2.52 4.41 7.64
N PHE A 24 -1.52 4.50 8.51
CA PHE A 24 -1.56 5.45 9.58
C PHE A 24 -1.84 6.83 9.03
N GLY A 25 -3.04 7.30 9.31
CA GLY A 25 -3.47 8.57 8.85
C GLY A 25 -3.54 8.69 7.34
N PHE A 26 -3.03 9.80 6.87
CA PHE A 26 -3.01 10.16 5.45
C PHE A 26 -2.24 9.18 4.56
N ARG A 27 -1.54 8.22 5.15
CA ARG A 27 -0.76 7.29 4.35
C ARG A 27 -1.58 6.20 3.70
N SER A 28 -1.07 5.72 2.59
CA SER A 28 -1.73 4.68 1.83
C SER A 28 -1.02 3.34 2.03
N CYS A 29 -1.80 2.28 2.13
CA CYS A 29 -1.25 0.95 2.31
C CYS A 29 -1.09 0.30 0.94
N CYS A 30 0.11 -0.17 0.66
CA CYS A 30 0.41 -0.74 -0.62
C CYS A 30 0.83 -2.19 -0.48
N ALA A 31 0.31 -3.00 -1.38
CA ALA A 31 0.57 -4.40 -1.42
C ALA A 31 0.87 -4.78 -2.86
N TRP A 32 1.30 -5.99 -3.09
CA TRP A 32 1.63 -6.41 -4.43
C TRP A 32 0.41 -6.99 -5.18
N PRO A 33 0.27 -6.66 -6.47
CA PRO A 33 -0.86 -7.08 -7.35
C PRO A 33 -1.17 -8.59 -7.46
N TRP A 34 -0.21 -9.47 -7.15
CA TRP A 34 -0.43 -10.94 -7.29
C TRP A 34 -1.89 -11.36 -7.19
N ASN A 35 -2.64 -10.66 -6.35
CA ASN A 35 -4.05 -10.97 -6.12
C ASN A 35 -4.74 -9.74 -5.57
N ALA A 36 -4.36 -8.58 -6.08
CA ALA A 36 -4.92 -7.33 -5.61
C ALA A 36 -4.89 -6.31 -6.73
N LEU A 1 5.98 1.17 7.80
CA LEU A 1 4.85 0.28 8.16
C LEU A 1 4.55 -0.70 7.05
N PHE A 2 4.31 -1.94 7.42
CA PHE A 2 3.97 -2.96 6.45
C PHE A 2 2.47 -2.93 6.19
N CYS A 3 2.06 -3.57 5.12
CA CYS A 3 0.67 -3.65 4.75
C CYS A 3 0.40 -5.00 4.15
N LYS A 4 -0.73 -5.62 4.50
CA LYS A 4 -1.07 -6.96 4.00
C LYS A 4 -0.76 -7.11 2.52
N GLY A 5 0.52 -7.37 2.22
CA GLY A 5 0.95 -7.53 0.85
C GLY A 5 2.25 -6.81 0.56
N GLY A 6 2.41 -5.64 1.15
CA GLY A 6 3.61 -4.86 0.94
C GLY A 6 3.88 -3.90 2.09
N SER A 7 3.90 -2.61 1.81
CA SER A 7 4.15 -1.61 2.83
C SER A 7 3.33 -0.36 2.56
N CYS A 8 3.29 0.53 3.54
CA CYS A 8 2.53 1.76 3.43
C CYS A 8 3.40 2.91 2.95
N HIS A 9 2.85 3.66 2.00
CA HIS A 9 3.53 4.79 1.39
C HIS A 9 2.62 6.00 1.39
N PHE A 10 3.14 7.14 1.76
CA PHE A 10 2.35 8.35 1.80
C PHE A 10 2.15 8.91 0.38
N GLY A 11 0.96 9.42 0.11
CA GLY A 11 0.67 9.98 -1.20
C GLY A 11 0.04 8.98 -2.14
N GLY A 12 0.56 7.77 -2.14
CA GLY A 12 0.03 6.74 -3.00
C GLY A 12 0.76 5.43 -2.86
N CYS A 13 1.02 4.78 -3.98
CA CYS A 13 1.71 3.52 -3.99
C CYS A 13 2.44 3.32 -5.31
N PRO A 14 3.63 2.73 -5.30
CA PRO A 14 4.38 2.48 -6.51
C PRO A 14 3.49 1.79 -7.53
N SER A 15 3.48 2.30 -8.75
CA SER A 15 2.66 1.76 -9.81
C SER A 15 2.56 0.24 -9.72
N HIS A 16 3.61 -0.40 -9.24
CA HIS A 16 3.62 -1.85 -9.10
C HIS A 16 2.60 -2.30 -8.07
N LEU A 17 2.64 -1.65 -6.93
CA LEU A 17 1.78 -1.97 -5.80
C LEU A 17 0.33 -1.54 -5.99
N ILE A 18 -0.52 -2.29 -5.30
CA ILE A 18 -1.95 -2.10 -5.29
C ILE A 18 -2.40 -1.56 -3.92
N LYS A 19 -3.32 -0.61 -3.94
CA LYS A 19 -3.82 0.01 -2.73
C LYS A 19 -4.69 -0.96 -1.92
N VAL A 20 -4.09 -1.62 -0.94
CA VAL A 20 -4.82 -2.57 -0.09
C VAL A 20 -5.71 -1.82 0.89
N GLY A 21 -5.24 -0.66 1.31
CA GLY A 21 -5.98 0.15 2.25
C GLY A 21 -5.23 1.41 2.61
N SER A 22 -5.59 2.04 3.71
CA SER A 22 -4.92 3.25 4.15
C SER A 22 -3.77 2.91 5.10
N CYS A 23 -3.17 3.92 5.70
CA CYS A 23 -2.07 3.73 6.62
C CYS A 23 -2.22 4.68 7.79
N PHE A 24 -1.15 4.86 8.54
CA PHE A 24 -1.17 5.72 9.71
C PHE A 24 -1.20 7.18 9.33
N GLY A 25 -2.08 7.88 10.02
CA GLY A 25 -2.24 9.29 9.85
C GLY A 25 -2.87 9.72 8.54
N PHE A 26 -2.39 9.17 7.43
CA PHE A 26 -2.88 9.58 6.12
C PHE A 26 -2.21 8.78 5.00
N ARG A 27 -1.23 7.97 5.35
CA ARG A 27 -0.51 7.19 4.38
C ARG A 27 -1.40 6.15 3.72
N SER A 28 -0.97 5.69 2.56
CA SER A 28 -1.68 4.68 1.82
C SER A 28 -0.98 3.35 1.99
N CYS A 29 -1.75 2.29 2.18
CA CYS A 29 -1.15 0.97 2.34
C CYS A 29 -1.05 0.31 0.99
N CYS A 30 0.15 -0.12 0.66
CA CYS A 30 0.43 -0.72 -0.62
C CYS A 30 0.81 -2.17 -0.47
N ALA A 31 0.28 -2.96 -1.38
CA ALA A 31 0.53 -4.38 -1.43
C ALA A 31 0.85 -4.74 -2.85
N TRP A 32 1.26 -5.96 -3.10
CA TRP A 32 1.61 -6.37 -4.43
C TRP A 32 0.38 -6.94 -5.20
N PRO A 33 0.28 -6.59 -6.49
CA PRO A 33 -0.84 -6.97 -7.39
C PRO A 33 -1.13 -8.47 -7.56
N TRP A 34 -0.20 -9.36 -7.18
CA TRP A 34 -0.40 -10.82 -7.37
C TRP A 34 -1.88 -11.23 -7.34
N ASN A 35 -2.66 -10.54 -6.52
CA ASN A 35 -4.07 -10.83 -6.36
C ASN A 35 -4.78 -9.59 -5.84
N ALA A 36 -4.33 -8.44 -6.29
CA ALA A 36 -4.89 -7.19 -5.84
C ALA A 36 -4.86 -6.17 -6.97
N LEU A 1 6.09 1.36 7.20
CA LEU A 1 4.96 0.58 7.74
C LEU A 1 4.51 -0.46 6.72
N PHE A 2 4.47 -1.72 7.13
CA PHE A 2 4.06 -2.77 6.23
C PHE A 2 2.54 -2.78 6.08
N CYS A 3 2.08 -3.43 5.03
CA CYS A 3 0.66 -3.55 4.76
C CYS A 3 0.38 -4.93 4.22
N LYS A 4 -0.72 -5.52 4.63
CA LYS A 4 -1.10 -6.88 4.22
C LYS A 4 -0.84 -7.10 2.72
N GLY A 5 0.41 -7.38 2.37
CA GLY A 5 0.76 -7.62 0.99
C GLY A 5 2.02 -6.89 0.56
N GLY A 6 2.23 -5.69 1.10
CA GLY A 6 3.39 -4.92 0.75
C GLY A 6 3.73 -3.87 1.80
N SER A 7 4.03 -2.66 1.36
CA SER A 7 4.38 -1.58 2.28
C SER A 7 3.49 -0.36 2.06
N CYS A 8 3.43 0.49 3.08
CA CYS A 8 2.62 1.69 3.04
C CYS A 8 3.48 2.89 2.64
N HIS A 9 2.94 3.73 1.79
CA HIS A 9 3.65 4.90 1.29
C HIS A 9 2.72 6.09 1.32
N PHE A 10 3.25 7.23 1.73
CA PHE A 10 2.45 8.42 1.79
C PHE A 10 2.13 8.96 0.40
N GLY A 11 0.87 9.31 0.19
CA GLY A 11 0.46 9.86 -1.09
C GLY A 11 -0.24 8.86 -1.99
N GLY A 12 0.32 7.67 -2.10
CA GLY A 12 -0.26 6.65 -2.94
C GLY A 12 0.48 5.35 -2.84
N CYS A 13 0.73 4.73 -3.99
CA CYS A 13 1.42 3.45 -4.01
C CYS A 13 2.23 3.28 -5.27
N PRO A 14 3.43 2.70 -5.16
CA PRO A 14 4.28 2.46 -6.31
C PRO A 14 3.46 1.81 -7.41
N SER A 15 3.57 2.33 -8.61
CA SER A 15 2.84 1.81 -9.76
C SER A 15 2.72 0.29 -9.71
N HIS A 16 3.67 -0.35 -9.05
CA HIS A 16 3.67 -1.81 -8.94
C HIS A 16 2.67 -2.27 -7.90
N LEU A 17 2.74 -1.65 -6.73
CA LEU A 17 1.88 -2.03 -5.61
C LEU A 17 0.44 -1.57 -5.78
N ILE A 18 -0.44 -2.42 -5.29
CA ILE A 18 -1.86 -2.21 -5.30
C ILE A 18 -2.32 -1.62 -3.96
N LYS A 19 -3.19 -0.63 -4.02
CA LYS A 19 -3.68 0.03 -2.82
C LYS A 19 -4.57 -0.93 -2.03
N VAL A 20 -4.03 -1.48 -0.95
CA VAL A 20 -4.77 -2.42 -0.11
C VAL A 20 -5.69 -1.65 0.83
N GLY A 21 -5.24 -0.48 1.26
CA GLY A 21 -6.01 0.35 2.17
C GLY A 21 -5.23 1.56 2.60
N SER A 22 -5.59 2.13 3.74
CA SER A 22 -4.90 3.29 4.27
C SER A 22 -3.78 2.87 5.22
N CYS A 23 -2.96 3.83 5.62
CA CYS A 23 -1.84 3.58 6.51
C CYS A 23 -1.98 4.45 7.76
N PHE A 24 -0.90 4.58 8.51
CA PHE A 24 -0.89 5.35 9.73
C PHE A 24 -0.82 6.84 9.45
N GLY A 25 -1.63 7.56 10.18
CA GLY A 25 -1.66 8.99 10.10
C GLY A 25 -2.27 9.58 8.85
N PHE A 26 -1.90 9.05 7.69
CA PHE A 26 -2.36 9.59 6.43
C PHE A 26 -1.80 8.83 5.23
N ARG A 27 -0.81 8.00 5.49
CA ARG A 27 -0.17 7.23 4.43
C ARG A 27 -1.11 6.23 3.81
N SER A 28 -0.74 5.77 2.63
CA SER A 28 -1.53 4.79 1.90
C SER A 28 -0.89 3.42 2.07
N CYS A 29 -1.72 2.39 2.26
CA CYS A 29 -1.22 1.04 2.42
C CYS A 29 -1.18 0.36 1.07
N CYS A 30 -0.02 -0.17 0.72
CA CYS A 30 0.17 -0.82 -0.55
C CYS A 30 0.59 -2.26 -0.38
N ALA A 31 0.14 -3.06 -1.29
CA ALA A 31 0.42 -4.47 -1.33
C ALA A 31 0.78 -4.84 -2.75
N TRP A 32 1.20 -6.06 -2.98
CA TRP A 32 1.58 -6.46 -4.30
C TRP A 32 0.40 -6.99 -5.12
N PRO A 33 0.33 -6.61 -6.40
CA PRO A 33 -0.76 -6.97 -7.35
C PRO A 33 -0.97 -8.48 -7.62
N TRP A 34 -0.04 -9.34 -7.22
CA TRP A 34 -0.17 -10.79 -7.50
C TRP A 34 -1.62 -11.25 -7.61
N ASN A 35 -2.47 -10.66 -6.81
CA ASN A 35 -3.88 -11.01 -6.78
C ASN A 35 -4.68 -9.88 -6.17
N ALA A 36 -4.17 -8.69 -6.36
CA ALA A 36 -4.81 -7.50 -5.85
C ALA A 36 -4.72 -6.37 -6.88
#